data_1D7I
#
_entry.id   1D7I
#
_cell.length_a   102.800
_cell.length_b   36.450
_cell.length_c   56.000
_cell.angle_alpha   90.00
_cell.angle_beta   96.00
_cell.angle_gamma   90.00
#
_symmetry.space_group_name_H-M   'C 1 2 1'
#
loop_
_entity.id
_entity.type
_entity.pdbx_description
1 polymer 'PROTEIN (FK506-BINDING PROTEIN)'
2 non-polymer 'AMMONIUM ION'
3 non-polymer 'SULFATE ION'
4 non-polymer 'METHYL METHYLSULFINYLMETHYL SULFIDE'
5 water water
#
_entity_poly.entity_id   1
_entity_poly.type   'polypeptide(L)'
_entity_poly.pdbx_seq_one_letter_code
;GVQVETISPGDGRTFPKRGQTCVVHYTGMLEDGKKFDSSRDRNKPFKFMLGKQEVIRGWEEGVAQMSVGQRAKLTISPDY
AYGATGHPGIIPPHATLVFDVELLKLE
;
_entity_poly.pdbx_strand_id   A,B
#
# COMPACT_ATOMS: atom_id res chain seq x y z
N GLY A 1 -10.84 6.53 -3.56
CA GLY A 1 -10.81 5.91 -4.88
C GLY A 1 -10.22 4.52 -4.82
N VAL A 2 -9.92 3.93 -5.97
CA VAL A 2 -9.33 2.60 -6.02
C VAL A 2 -7.92 2.72 -6.54
N GLN A 3 -7.06 1.81 -6.08
CA GLN A 3 -5.66 1.78 -6.48
C GLN A 3 -5.41 0.37 -7.03
N VAL A 4 -4.91 0.30 -8.27
CA VAL A 4 -4.65 -0.97 -8.94
C VAL A 4 -3.16 -1.31 -9.04
N GLU A 5 -2.76 -2.49 -8.60
CA GLU A 5 -1.37 -2.92 -8.68
C GLU A 5 -1.36 -4.24 -9.41
N THR A 6 -0.64 -4.29 -10.53
CA THR A 6 -0.56 -5.50 -11.32
C THR A 6 0.20 -6.58 -10.61
N ILE A 7 -0.34 -7.79 -10.68
CA ILE A 7 0.29 -8.96 -10.09
C ILE A 7 0.86 -9.77 -11.26
N SER A 8 0.07 -9.84 -12.32
CA SER A 8 0.46 -10.56 -13.51
C SER A 8 -0.24 -9.85 -14.67
N PRO A 9 0.51 -9.46 -15.71
CA PRO A 9 -0.02 -8.75 -16.88
C PRO A 9 -1.07 -9.44 -17.72
N GLY A 10 -1.97 -8.65 -18.30
CA GLY A 10 -2.97 -9.20 -19.19
C GLY A 10 -2.48 -8.97 -20.60
N ASP A 11 -3.34 -9.04 -21.62
CA ASP A 11 -2.87 -8.83 -23.01
C ASP A 11 -2.43 -7.40 -23.31
N GLY A 12 -2.72 -6.47 -22.41
CA GLY A 12 -2.33 -5.08 -22.56
C GLY A 12 -3.14 -4.29 -23.57
N ARG A 13 -4.22 -4.87 -24.09
CA ARG A 13 -5.00 -4.15 -25.08
C ARG A 13 -6.51 -4.33 -25.05
N THR A 14 -7.02 -5.38 -24.41
CA THR A 14 -8.47 -5.57 -24.37
C THR A 14 -9.00 -5.12 -23.01
N PHE A 15 -9.54 -3.92 -22.96
CA PHE A 15 -10.09 -3.33 -21.73
C PHE A 15 -11.62 -3.42 -21.81
N PRO A 16 -12.29 -3.71 -20.68
CA PRO A 16 -13.75 -3.84 -20.65
C PRO A 16 -14.46 -2.52 -20.91
N LYS A 17 -15.58 -2.60 -21.62
CA LYS A 17 -16.40 -1.44 -21.94
C LYS A 17 -17.80 -1.62 -21.35
N ARG A 18 -18.48 -0.50 -21.11
CA ARG A 18 -19.83 -0.49 -20.54
C ARG A 18 -20.74 -1.45 -21.29
N GLY A 19 -21.51 -2.26 -20.56
CA GLY A 19 -22.41 -3.21 -21.19
C GLY A 19 -21.84 -4.61 -21.38
N GLN A 20 -20.54 -4.76 -21.18
CA GLN A 20 -19.92 -6.06 -21.34
C GLN A 20 -20.01 -6.82 -20.05
N THR A 21 -19.99 -8.14 -20.16
CA THR A 21 -19.99 -9.00 -19.01
C THR A 21 -18.55 -9.43 -18.71
N CYS A 22 -18.07 -9.06 -17.53
CA CYS A 22 -16.73 -9.42 -17.11
C CYS A 22 -16.82 -10.72 -16.31
N VAL A 23 -15.95 -11.65 -16.63
CA VAL A 23 -15.89 -12.92 -15.92
C VAL A 23 -14.58 -12.91 -15.12
N VAL A 24 -14.70 -12.89 -13.80
CA VAL A 24 -13.54 -12.82 -12.92
C VAL A 24 -13.51 -13.82 -11.78
N HIS A 25 -12.33 -13.93 -11.17
CA HIS A 25 -12.11 -14.76 -9.98
C HIS A 25 -11.58 -13.71 -9.01
N TYR A 26 -11.94 -13.80 -7.73
CA TYR A 26 -11.47 -12.80 -6.77
C TYR A 26 -11.37 -13.37 -5.38
N THR A 27 -10.77 -12.59 -4.50
CA THR A 27 -10.67 -12.93 -3.09
C THR A 27 -10.70 -11.59 -2.38
N GLY A 28 -11.67 -11.42 -1.48
CA GLY A 28 -11.77 -10.18 -0.74
C GLY A 28 -11.08 -10.31 0.59
N MET A 29 -10.41 -9.26 1.03
CA MET A 29 -9.74 -9.27 2.31
C MET A 29 -9.96 -7.92 3.00
N LEU A 30 -9.87 -7.94 4.31
CA LEU A 30 -10.04 -6.71 5.08
C LEU A 30 -8.62 -6.22 5.28
N GLU A 31 -8.45 -4.96 5.67
CA GLU A 31 -7.10 -4.39 5.88
C GLU A 31 -6.14 -5.30 6.64
N ASP A 32 -6.66 -6.14 7.52
CA ASP A 32 -5.83 -7.05 8.29
C ASP A 32 -5.28 -8.24 7.49
N GLY A 33 -5.88 -8.52 6.34
CA GLY A 33 -5.43 -9.64 5.54
C GLY A 33 -6.35 -10.83 5.67
N LYS A 34 -7.42 -10.65 6.44
CA LYS A 34 -8.41 -11.69 6.65
C LYS A 34 -9.38 -11.75 5.48
N LYS A 35 -9.57 -12.97 4.97
CA LYS A 35 -10.46 -13.22 3.86
C LYS A 35 -11.92 -13.16 4.30
N PHE A 36 -12.77 -12.66 3.42
CA PHE A 36 -14.18 -12.58 3.73
C PHE A 36 -15.05 -13.12 2.61
N ASP A 37 -14.49 -13.27 1.42
CA ASP A 37 -15.25 -13.80 0.28
C ASP A 37 -14.26 -14.30 -0.74
N SER A 38 -14.65 -15.27 -1.56
CA SER A 38 -13.75 -15.78 -2.58
C SER A 38 -14.36 -16.76 -3.57
N SER A 39 -14.41 -16.35 -4.84
CA SER A 39 -14.96 -17.19 -5.91
C SER A 39 -14.03 -18.35 -6.14
N ARG A 40 -12.79 -18.19 -5.71
CA ARG A 40 -11.80 -19.25 -5.86
C ARG A 40 -12.15 -20.46 -4.98
N ASP A 41 -12.59 -20.21 -3.75
CA ASP A 41 -12.96 -21.28 -2.84
C ASP A 41 -14.19 -22.01 -3.36
N ARG A 42 -15.07 -21.25 -3.99
CA ARG A 42 -16.28 -21.84 -4.55
C ARG A 42 -15.99 -22.49 -5.90
N ASN A 43 -14.78 -22.25 -6.41
CA ASN A 43 -14.31 -22.81 -7.68
C ASN A 43 -15.31 -22.52 -8.81
N LYS A 44 -15.81 -21.29 -8.82
CA LYS A 44 -16.76 -20.85 -9.83
C LYS A 44 -16.52 -19.36 -10.02
N PRO A 45 -16.24 -18.94 -11.27
CA PRO A 45 -15.99 -17.53 -11.57
C PRO A 45 -17.25 -16.71 -11.43
N PHE A 46 -17.08 -15.46 -11.05
CA PHE A 46 -18.16 -14.50 -10.87
C PHE A 46 -18.33 -13.68 -12.14
N LYS A 47 -19.57 -13.36 -12.51
CA LYS A 47 -19.85 -12.56 -13.70
C LYS A 47 -20.71 -11.34 -13.35
N PHE A 48 -20.41 -10.21 -13.97
CA PHE A 48 -21.18 -8.98 -13.77
C PHE A 48 -21.06 -8.08 -14.99
N MET A 49 -22.12 -7.34 -15.32
CA MET A 49 -22.08 -6.44 -16.47
C MET A 49 -21.57 -5.08 -16.05
N LEU A 50 -20.51 -4.61 -16.71
CA LEU A 50 -19.93 -3.32 -16.39
C LEU A 50 -20.93 -2.23 -16.67
N GLY A 51 -21.10 -1.34 -15.70
CA GLY A 51 -22.03 -0.22 -15.84
C GLY A 51 -23.39 -0.38 -15.18
N LYS A 52 -23.82 -1.61 -14.90
CA LYS A 52 -25.13 -1.83 -14.29
C LYS A 52 -25.18 -1.74 -12.76
N GLN A 53 -24.13 -1.14 -12.18
CA GLN A 53 -24.03 -0.96 -10.73
C GLN A 53 -24.36 -2.17 -9.85
N GLU A 54 -24.10 -3.37 -10.33
CA GLU A 54 -24.38 -4.57 -9.56
C GLU A 54 -23.22 -5.04 -8.68
N VAL A 55 -22.16 -4.25 -8.63
CA VAL A 55 -20.98 -4.52 -7.80
C VAL A 55 -20.59 -3.13 -7.28
N ILE A 56 -19.69 -3.07 -6.32
CA ILE A 56 -19.28 -1.81 -5.75
C ILE A 56 -18.59 -0.89 -6.76
N ARG A 57 -18.66 0.41 -6.50
CA ARG A 57 -18.06 1.41 -7.38
C ARG A 57 -16.62 1.09 -7.71
N GLY A 58 -15.85 0.72 -6.69
CA GLY A 58 -14.45 0.38 -6.84
C GLY A 58 -14.11 -0.70 -7.87
N TRP A 59 -14.99 -1.68 -8.05
CA TRP A 59 -14.81 -2.77 -9.02
C TRP A 59 -15.14 -2.23 -10.41
N GLU A 60 -16.19 -1.44 -10.51
CA GLU A 60 -16.54 -0.88 -11.81
C GLU A 60 -15.47 0.07 -12.36
N GLU A 61 -14.73 0.72 -11.46
CA GLU A 61 -13.70 1.65 -11.92
C GLU A 61 -12.34 0.99 -12.04
N GLY A 62 -12.07 0.04 -11.17
CA GLY A 62 -10.80 -0.65 -11.17
C GLY A 62 -10.69 -1.68 -12.26
N VAL A 63 -11.74 -2.50 -12.41
CA VAL A 63 -11.73 -3.53 -13.44
C VAL A 63 -11.77 -2.94 -14.84
N ALA A 64 -12.19 -1.68 -14.95
CA ALA A 64 -12.24 -1.04 -16.26
C ALA A 64 -10.85 -0.61 -16.74
N GLN A 65 -9.85 -0.71 -15.88
CA GLN A 65 -8.46 -0.34 -16.17
C GLN A 65 -7.57 -1.59 -16.29
N MET A 66 -8.20 -2.75 -16.26
CA MET A 66 -7.52 -4.02 -16.37
C MET A 66 -7.77 -4.54 -17.77
N SER A 67 -6.90 -5.40 -18.26
CA SER A 67 -7.10 -5.99 -19.59
C SER A 67 -7.28 -7.50 -19.41
N VAL A 68 -7.85 -8.14 -20.41
CA VAL A 68 -8.10 -9.58 -20.34
C VAL A 68 -6.86 -10.38 -19.98
N GLY A 69 -7.01 -11.23 -18.99
CA GLY A 69 -5.92 -12.08 -18.54
C GLY A 69 -5.16 -11.50 -17.39
N GLN A 70 -5.33 -10.20 -17.14
CA GLN A 70 -4.61 -9.55 -16.05
C GLN A 70 -5.11 -9.93 -14.63
N ARG A 71 -4.17 -10.07 -13.72
CA ARG A 71 -4.47 -10.36 -12.33
C ARG A 71 -3.92 -9.16 -11.60
N ALA A 72 -4.77 -8.50 -10.83
CA ALA A 72 -4.36 -7.31 -10.10
C ALA A 72 -4.87 -7.30 -8.65
N LYS A 73 -4.28 -6.42 -7.84
CA LYS A 73 -4.68 -6.24 -6.46
C LYS A 73 -5.34 -4.88 -6.40
N LEU A 74 -6.60 -4.84 -6.01
CA LEU A 74 -7.31 -3.57 -5.90
C LEU A 74 -7.39 -3.17 -4.43
N THR A 75 -7.08 -1.91 -4.14
CA THR A 75 -7.18 -1.37 -2.79
C THR A 75 -8.28 -0.31 -2.93
N ILE A 76 -9.41 -0.57 -2.27
CA ILE A 76 -10.59 0.27 -2.40
C ILE A 76 -11.02 0.95 -1.08
N SER A 77 -11.17 2.27 -1.15
CA SER A 77 -11.56 3.09 -0.01
C SER A 77 -13.06 2.95 0.32
N PRO A 78 -13.43 3.13 1.60
CA PRO A 78 -14.83 3.02 2.06
C PRO A 78 -15.86 3.60 1.13
N ASP A 79 -15.64 4.84 0.69
CA ASP A 79 -16.58 5.51 -0.21
C ASP A 79 -16.86 4.79 -1.54
N TYR A 80 -15.94 3.92 -1.93
CA TYR A 80 -16.08 3.13 -3.16
C TYR A 80 -16.48 1.69 -2.89
N ALA A 81 -16.66 1.33 -1.62
CA ALA A 81 -17.06 -0.03 -1.26
C ALA A 81 -18.42 0.02 -0.50
N TYR A 82 -18.38 -0.23 0.81
CA TYR A 82 -19.63 -0.25 1.60
C TYR A 82 -19.95 0.91 2.55
N GLY A 83 -19.26 2.03 2.41
CA GLY A 83 -19.54 3.21 3.21
C GLY A 83 -19.32 3.23 4.71
N ALA A 84 -20.10 4.06 5.37
CA ALA A 84 -20.04 4.24 6.81
C ALA A 84 -20.76 3.09 7.50
N THR A 85 -21.84 2.62 6.88
CA THR A 85 -22.62 1.52 7.42
C THR A 85 -22.00 0.12 7.22
N GLY A 86 -21.10 -0.01 6.25
CA GLY A 86 -20.52 -1.31 5.96
C GLY A 86 -21.64 -2.28 5.69
N HIS A 87 -21.43 -3.53 6.07
CA HIS A 87 -22.46 -4.57 5.98
C HIS A 87 -22.27 -5.37 7.27
N PRO A 88 -22.88 -4.91 8.38
CA PRO A 88 -22.79 -5.54 9.72
C PRO A 88 -22.80 -7.08 9.69
N GLY A 89 -21.85 -7.69 10.38
CA GLY A 89 -21.74 -9.13 10.38
C GLY A 89 -20.69 -9.62 9.42
N ILE A 90 -20.43 -8.84 8.37
CA ILE A 90 -19.42 -9.21 7.37
C ILE A 90 -18.37 -8.12 7.16
N ILE A 91 -18.82 -6.91 6.84
CA ILE A 91 -17.91 -5.81 6.59
C ILE A 91 -18.08 -4.65 7.57
N PRO A 92 -17.02 -4.37 8.33
CA PRO A 92 -16.96 -3.29 9.32
C PRO A 92 -17.19 -1.93 8.68
N PRO A 93 -17.63 -0.95 9.47
CA PRO A 93 -17.87 0.40 8.96
C PRO A 93 -16.51 1.02 8.59
N HIS A 94 -16.51 1.91 7.61
CA HIS A 94 -15.30 2.59 7.17
C HIS A 94 -14.15 1.64 6.84
N ALA A 95 -14.47 0.52 6.19
CA ALA A 95 -13.47 -0.46 5.83
C ALA A 95 -12.90 -0.27 4.43
N THR A 96 -11.57 -0.36 4.35
CA THR A 96 -10.81 -0.27 3.11
C THR A 96 -10.66 -1.73 2.72
N LEU A 97 -11.19 -2.11 1.55
CA LEU A 97 -11.07 -3.52 1.14
C LEU A 97 -9.97 -3.76 0.10
N VAL A 98 -9.39 -4.96 0.14
CA VAL A 98 -8.34 -5.36 -0.77
C VAL A 98 -8.81 -6.58 -1.51
N PHE A 99 -8.84 -6.48 -2.84
CA PHE A 99 -9.29 -7.59 -3.67
C PHE A 99 -8.16 -8.09 -4.58
N ASP A 100 -8.08 -9.41 -4.72
CA ASP A 100 -7.12 -10.04 -5.60
C ASP A 100 -8.05 -10.51 -6.72
N VAL A 101 -8.09 -9.74 -7.79
CA VAL A 101 -8.95 -10.00 -8.95
C VAL A 101 -8.20 -10.41 -10.22
N GLU A 102 -8.69 -11.46 -10.88
CA GLU A 102 -8.12 -11.91 -12.13
C GLU A 102 -9.23 -11.84 -13.17
N LEU A 103 -9.01 -11.07 -14.25
CA LEU A 103 -9.99 -10.92 -15.34
C LEU A 103 -9.79 -12.05 -16.36
N LEU A 104 -10.69 -13.02 -16.35
CA LEU A 104 -10.59 -14.20 -17.22
C LEU A 104 -11.00 -14.07 -18.69
N LYS A 105 -12.00 -13.24 -18.96
CA LYS A 105 -12.52 -13.07 -20.29
C LYS A 105 -13.64 -12.05 -20.25
N LEU A 106 -14.20 -11.74 -21.40
CA LEU A 106 -15.28 -10.79 -21.50
C LEU A 106 -16.35 -11.48 -22.34
N GLU A 107 -17.60 -11.18 -22.07
CA GLU A 107 -18.72 -11.75 -22.81
C GLU A 107 -19.71 -10.64 -23.18
N GLY B 1 15.33 19.11 11.87
CA GLY B 1 15.19 18.49 10.53
C GLY B 1 15.70 17.07 10.57
N VAL B 2 16.22 16.58 9.44
CA VAL B 2 16.74 15.23 9.40
C VAL B 2 18.16 15.28 8.94
N GLN B 3 18.95 14.33 9.41
CA GLN B 3 20.36 14.25 9.07
C GLN B 3 20.58 12.85 8.46
N VAL B 4 21.02 12.80 7.21
CA VAL B 4 21.27 11.52 6.51
C VAL B 4 22.76 11.19 6.43
N GLU B 5 23.12 9.97 6.84
CA GLU B 5 24.50 9.51 6.81
C GLU B 5 24.49 8.16 6.10
N THR B 6 25.31 7.98 5.07
CA THR B 6 25.29 6.71 4.36
C THR B 6 25.94 5.58 5.12
N ILE B 7 25.50 4.37 4.82
CA ILE B 7 26.02 3.16 5.41
C ILE B 7 26.58 2.36 4.24
N SER B 8 25.81 2.30 3.16
CA SER B 8 26.21 1.60 1.98
C SER B 8 25.56 2.35 0.83
N PRO B 9 26.33 2.60 -0.24
CA PRO B 9 25.86 3.33 -1.43
C PRO B 9 24.78 2.68 -2.27
N GLY B 10 23.98 3.53 -2.90
CA GLY B 10 22.92 3.10 -3.79
C GLY B 10 23.45 3.37 -5.19
N ASP B 11 22.59 3.50 -6.20
CA ASP B 11 23.09 3.76 -7.56
C ASP B 11 23.49 5.21 -7.81
N GLY B 12 23.24 6.09 -6.83
CA GLY B 12 23.58 7.49 -6.96
C GLY B 12 22.83 8.27 -8.02
N ARG B 13 21.72 7.74 -8.50
CA ARG B 13 20.96 8.45 -9.54
C ARG B 13 19.44 8.31 -9.54
N THR B 14 18.90 7.18 -9.09
CA THR B 14 17.44 6.99 -9.05
C THR B 14 16.90 7.49 -7.68
N PHE B 15 16.35 8.71 -7.67
CA PHE B 15 15.82 9.31 -6.44
C PHE B 15 14.29 9.27 -6.48
N PRO B 16 13.63 9.03 -5.33
CA PRO B 16 12.17 8.96 -5.24
C PRO B 16 11.51 10.29 -5.53
N LYS B 17 10.40 10.22 -6.25
CA LYS B 17 9.58 11.36 -6.62
C LYS B 17 8.19 11.23 -5.96
N ARG B 18 7.50 12.36 -5.80
CA ARG B 18 6.16 12.37 -5.20
C ARG B 18 5.22 11.44 -5.96
N GLY B 19 4.45 10.63 -5.23
CA GLY B 19 3.53 9.72 -5.86
C GLY B 19 4.05 8.32 -6.07
N GLN B 20 5.36 8.15 -5.89
CA GLN B 20 6.00 6.85 -6.05
C GLN B 20 5.93 6.07 -4.76
N THR B 21 5.87 4.75 -4.89
CA THR B 21 5.84 3.85 -3.75
C THR B 21 7.26 3.38 -3.42
N CYS B 22 7.76 3.78 -2.26
CA CYS B 22 9.08 3.41 -1.79
C CYS B 22 9.04 2.10 -1.00
N VAL B 23 9.88 1.14 -1.34
CA VAL B 23 9.91 -0.14 -0.63
C VAL B 23 11.17 -0.16 0.22
N VAL B 24 10.98 -0.10 1.54
CA VAL B 24 12.11 -0.05 2.45
C VAL B 24 12.11 -1.14 3.50
N HIS B 25 13.23 -1.28 4.18
CA HIS B 25 13.41 -2.20 5.31
C HIS B 25 13.96 -1.20 6.29
N TYR B 26 13.53 -1.26 7.55
CA TYR B 26 14.01 -0.28 8.52
C TYR B 26 14.04 -0.84 9.91
N THR B 27 14.73 -0.12 10.78
CA THR B 27 14.84 -0.40 12.22
C THR B 27 14.83 0.96 12.89
N GLY B 28 13.89 1.17 13.83
CA GLY B 28 13.80 2.42 14.55
C GLY B 28 14.41 2.26 15.92
N MET B 29 15.14 3.28 16.37
CA MET B 29 15.80 3.25 17.67
C MET B 29 15.63 4.60 18.35
N LEU B 30 15.69 4.59 19.68
CA LEU B 30 15.59 5.83 20.44
C LEU B 30 17.05 6.25 20.59
N GLU B 31 17.31 7.50 20.98
CA GLU B 31 18.68 8.00 21.16
C GLU B 31 19.61 7.07 21.93
N ASP B 32 19.08 6.38 22.92
CA ASP B 32 19.87 5.48 23.74
C ASP B 32 20.28 4.20 23.00
N GLY B 33 19.63 3.94 21.87
CA GLY B 33 19.95 2.75 21.10
C GLY B 33 18.94 1.63 21.31
N LYS B 34 17.85 1.91 22.00
CA LYS B 34 16.85 0.89 22.22
C LYS B 34 15.99 0.81 20.98
N LYS B 35 15.79 -0.41 20.50
CA LYS B 35 14.99 -0.65 19.31
C LYS B 35 13.51 -0.61 19.66
N PHE B 36 12.71 -0.05 18.77
CA PHE B 36 11.30 0.02 19.02
C PHE B 36 10.44 -0.53 17.90
N ASP B 37 10.95 -0.55 16.67
CA ASP B 37 10.18 -1.06 15.53
C ASP B 37 11.18 -1.53 14.48
N SER B 38 10.83 -2.55 13.70
CA SER B 38 11.71 -3.07 12.66
C SER B 38 11.07 -4.04 11.68
N SER B 39 11.01 -3.65 10.41
CA SER B 39 10.44 -4.49 9.37
C SER B 39 11.32 -5.71 9.18
N ARG B 40 12.58 -5.58 9.60
CA ARG B 40 13.54 -6.65 9.49
C ARG B 40 13.18 -7.81 10.43
N ASP B 41 12.65 -7.49 11.61
CA ASP B 41 12.26 -8.54 12.55
C ASP B 41 11.04 -9.27 12.01
N ARG B 42 10.23 -8.56 11.23
CA ARG B 42 9.05 -9.17 10.66
C ARG B 42 9.44 -9.87 9.36
N ASN B 43 10.66 -9.59 8.87
CA ASN B 43 11.16 -10.16 7.62
C ASN B 43 10.21 -9.78 6.48
N LYS B 44 9.70 -8.56 6.56
CA LYS B 44 8.74 -8.08 5.57
C LYS B 44 9.02 -6.60 5.34
N PRO B 45 9.29 -6.20 4.08
CA PRO B 45 9.57 -4.80 3.74
C PRO B 45 8.33 -3.96 3.92
N PHE B 46 8.52 -2.69 4.21
CA PHE B 46 7.45 -1.75 4.42
C PHE B 46 7.33 -0.88 3.16
N LYS B 47 6.11 -0.59 2.72
CA LYS B 47 5.90 0.25 1.53
C LYS B 47 5.03 1.45 1.90
N PHE B 48 5.36 2.61 1.34
CA PHE B 48 4.58 3.82 1.55
C PHE B 48 4.75 4.68 0.30
N MET B 49 3.73 5.48 -0.01
CA MET B 49 3.77 6.37 -1.16
C MET B 49 4.30 7.74 -0.73
N LEU B 50 5.34 8.22 -1.40
CA LEU B 50 5.96 9.50 -1.07
C LEU B 50 5.02 10.67 -1.30
N GLY B 51 4.87 11.52 -0.29
CA GLY B 51 3.98 12.67 -0.40
C GLY B 51 2.58 12.55 0.21
N LYS B 52 2.12 11.34 0.47
CA LYS B 52 0.79 11.13 1.03
C LYS B 52 0.70 11.29 2.55
N GLN B 53 1.80 11.73 3.16
CA GLN B 53 1.88 11.94 4.62
C GLN B 53 1.51 10.75 5.48
N GLU B 54 1.70 9.54 4.95
CA GLU B 54 1.40 8.32 5.71
C GLU B 54 2.55 7.83 6.58
N VAL B 55 3.61 8.64 6.67
CA VAL B 55 4.78 8.34 7.51
C VAL B 55 5.22 9.68 8.06
N ILE B 56 6.08 9.67 9.07
CA ILE B 56 6.54 10.88 9.68
C ILE B 56 7.32 11.78 8.72
N ARG B 57 7.15 13.08 8.87
CA ARG B 57 7.81 14.08 8.05
C ARG B 57 9.27 13.75 7.73
N GLY B 58 10.02 13.32 8.76
CA GLY B 58 11.42 12.98 8.58
C GLY B 58 11.71 11.91 7.52
N TRP B 59 10.80 10.96 7.36
CA TRP B 59 10.95 9.89 6.38
C TRP B 59 10.68 10.46 5.01
N GLU B 60 9.63 11.27 4.92
CA GLU B 60 9.27 11.89 3.66
C GLU B 60 10.45 12.70 3.10
N GLU B 61 11.13 13.44 3.97
CA GLU B 61 12.23 14.28 3.52
C GLU B 61 13.59 13.60 3.46
N GLY B 62 13.80 12.57 4.25
CA GLY B 62 15.09 11.89 4.27
C GLY B 62 15.17 10.78 3.23
N VAL B 63 14.08 10.06 3.03
CA VAL B 63 14.07 8.99 2.06
C VAL B 63 14.12 9.56 0.65
N ALA B 64 13.64 10.79 0.51
CA ALA B 64 13.66 11.47 -0.78
C ALA B 64 15.08 11.81 -1.24
N GLN B 65 16.03 11.88 -0.30
CA GLN B 65 17.43 12.21 -0.62
C GLN B 65 18.28 10.97 -0.82
N MET B 66 17.67 9.80 -0.74
CA MET B 66 18.38 8.55 -0.92
C MET B 66 18.13 8.03 -2.32
N SER B 67 19.02 7.17 -2.82
CA SER B 67 18.82 6.60 -4.15
C SER B 67 18.58 5.11 -3.97
N VAL B 68 17.92 4.48 -4.93
CA VAL B 68 17.66 3.06 -4.84
C VAL B 68 18.92 2.25 -4.52
N GLY B 69 18.77 1.29 -3.60
CA GLY B 69 19.86 0.43 -3.21
C GLY B 69 20.61 1.00 -2.03
N GLN B 70 20.44 2.29 -1.77
CA GLN B 70 21.16 2.88 -0.66
C GLN B 70 20.62 2.51 0.74
N ARG B 71 21.53 2.32 1.68
CA ARG B 71 21.19 2.04 3.05
C ARG B 71 21.79 3.21 3.80
N ALA B 72 20.99 3.86 4.65
CA ALA B 72 21.46 5.04 5.38
C ALA B 72 20.90 5.19 6.81
N LYS B 73 21.57 5.98 7.62
CA LYS B 73 21.11 6.22 8.98
C LYS B 73 20.45 7.60 9.02
N LEU B 74 19.18 7.63 9.37
CA LEU B 74 18.46 8.89 9.46
C LEU B 74 18.32 9.26 10.93
N THR B 75 18.74 10.48 11.26
CA THR B 75 18.61 11.01 12.61
C THR B 75 17.54 12.10 12.47
N ILE B 76 16.40 11.89 13.13
CA ILE B 76 15.24 12.77 13.04
C ILE B 76 14.82 13.45 14.35
N SER B 77 14.76 14.78 14.31
CA SER B 77 14.36 15.58 15.47
C SER B 77 12.85 15.42 15.75
N PRO B 78 12.45 15.70 17.00
CA PRO B 78 11.06 15.61 17.47
C PRO B 78 10.04 16.25 16.55
N ASP B 79 10.29 17.48 16.16
CA ASP B 79 9.36 18.17 15.28
C ASP B 79 9.13 17.50 13.93
N TYR B 80 10.00 16.55 13.56
CA TYR B 80 9.86 15.84 12.29
C TYR B 80 9.47 14.40 12.53
N ALA B 81 9.20 14.08 13.79
CA ALA B 81 8.81 12.73 14.16
C ALA B 81 7.45 12.73 14.87
N TYR B 82 7.48 12.50 16.18
CA TYR B 82 6.24 12.43 16.96
C TYR B 82 5.86 13.57 17.90
N GLY B 83 6.60 14.68 17.82
CA GLY B 83 6.29 15.86 18.61
C GLY B 83 6.47 15.82 20.13
N ALA B 84 5.75 16.73 20.78
CA ALA B 84 5.75 16.89 22.23
C ALA B 84 4.97 15.75 22.85
N THR B 85 3.87 15.35 22.22
CA THR B 85 3.06 14.26 22.74
C THR B 85 3.68 12.87 22.57
N GLY B 86 4.57 12.72 21.58
CA GLY B 86 5.21 11.43 21.32
C GLY B 86 4.12 10.42 21.02
N HIS B 87 4.30 9.21 21.49
CA HIS B 87 3.30 8.14 21.37
C HIS B 87 3.46 7.37 22.68
N PRO B 88 2.83 7.86 23.77
CA PRO B 88 2.86 7.29 25.13
C PRO B 88 2.88 5.76 25.10
N GLY B 89 3.85 5.17 25.79
CA GLY B 89 3.95 3.72 25.77
C GLY B 89 5.06 3.21 24.84
N ILE B 90 5.30 3.94 23.75
CA ILE B 90 6.35 3.56 22.80
C ILE B 90 7.42 4.64 22.59
N ILE B 91 7.00 5.85 22.26
CA ILE B 91 7.93 6.95 22.03
C ILE B 91 7.71 8.11 22.97
N PRO B 92 8.74 8.43 23.76
CA PRO B 92 8.71 9.52 24.74
C PRO B 92 8.45 10.86 24.09
N PRO B 93 8.15 11.89 24.89
CA PRO B 93 7.89 13.23 24.37
C PRO B 93 9.24 13.84 23.96
N HIS B 94 9.24 14.70 22.96
CA HIS B 94 10.48 15.34 22.52
C HIS B 94 11.62 14.38 22.18
N ALA B 95 11.30 13.22 21.60
CA ALA B 95 12.31 12.24 21.26
C ALA B 95 12.88 12.40 19.85
N THR B 96 14.20 12.30 19.78
CA THR B 96 14.97 12.36 18.56
C THR B 96 15.08 10.89 18.18
N LEU B 97 14.58 10.52 17.01
CA LEU B 97 14.65 9.13 16.59
C LEU B 97 15.82 8.85 15.60
N VAL B 98 16.28 7.60 15.58
CA VAL B 98 17.33 7.17 14.69
C VAL B 98 16.82 5.97 13.91
N PHE B 99 16.88 6.05 12.58
CA PHE B 99 16.42 4.97 11.73
C PHE B 99 17.51 4.48 10.78
N ASP B 100 17.63 3.17 10.67
CA ASP B 100 18.57 2.52 9.76
C ASP B 100 17.61 2.07 8.66
N VAL B 101 17.61 2.80 7.56
CA VAL B 101 16.73 2.52 6.44
C VAL B 101 17.47 2.11 5.17
N GLU B 102 16.98 1.08 4.50
CA GLU B 102 17.56 0.67 3.23
C GLU B 102 16.47 0.76 2.18
N LEU B 103 16.70 1.55 1.12
CA LEU B 103 15.73 1.69 0.03
C LEU B 103 15.91 0.55 -0.98
N LEU B 104 14.97 -0.40 -0.98
CA LEU B 104 15.06 -1.59 -1.85
C LEU B 104 14.68 -1.41 -3.32
N LYS B 105 13.66 -0.61 -3.60
CA LYS B 105 13.19 -0.39 -4.94
C LYS B 105 12.09 0.66 -4.88
N LEU B 106 11.61 1.08 -6.04
CA LEU B 106 10.56 2.08 -6.15
C LEU B 106 9.50 1.51 -7.08
N GLU B 107 8.24 1.55 -6.65
CA GLU B 107 7.13 1.04 -7.44
C GLU B 107 6.23 2.22 -7.80
#